data_5MT7
#
_entry.id   5MT7
#
_cell.length_a   110.944
_cell.length_b   110.944
_cell.length_c   126.343
_cell.angle_alpha   90.00
_cell.angle_beta   90.00
_cell.angle_gamma   120.00
#
_symmetry.space_group_name_H-M   'H 3 2'
#
loop_
_entity.id
_entity.type
_entity.pdbx_description
1 polymer 'Rhomboid protease GlpG'
2 polymer ACE-VAL-ARG-HIS-ALA-0QE
3 water water
#
loop_
_entity_poly.entity_id
_entity_poly.type
_entity_poly.pdbx_seq_one_letter_code
_entity_poly.pdbx_strand_id
1 'polypeptide(L)'
;ERAGPVTWVMMIACVVVFIAMQILGDQEVMLWLAWPFDPTLKFEFWRYFTHALMHFSLMHILFNLLWWWYLGGAVEKRLG
SGKLIVITLISALLSGYVQQKFSGPWFGGLSGVVYALMGYVWLRGERDPQSGIYLQRGLIIFALIWIVAGWFDLFGMSMA
NGAHIAGLAVGLAMAFVDSLN
;
A
2 'polypeptide(L)' (ACE)VRHA(0QE) B
#
loop_
_chem_comp.id
_chem_comp.type
_chem_comp.name
_chem_comp.formula
0QE non-polymer chloromethane 'C H3 Cl'
ACE non-polymer 'ACETYL GROUP' 'C2 H4 O'
#
# COMPACT_ATOMS: atom_id res chain seq x y z
N GLU A 1 -1.83 -5.68 -23.92
CA GLU A 1 -1.17 -5.36 -22.63
C GLU A 1 -1.94 -5.88 -21.44
N ARG A 2 -1.28 -5.83 -20.28
CA ARG A 2 -1.76 -6.40 -19.04
C ARG A 2 -0.71 -6.13 -17.96
N ALA A 3 -1.05 -6.42 -16.70
CA ALA A 3 -0.16 -6.23 -15.55
C ALA A 3 1.24 -6.82 -15.74
N GLY A 4 2.27 -5.99 -15.55
CA GLY A 4 3.65 -6.48 -15.53
C GLY A 4 3.98 -7.41 -14.35
N PRO A 5 5.23 -7.92 -14.29
CA PRO A 5 5.61 -8.96 -13.31
C PRO A 5 5.55 -8.56 -11.84
N VAL A 6 5.89 -7.32 -11.53
CA VAL A 6 5.82 -6.82 -10.16
C VAL A 6 4.35 -6.64 -9.73
N THR A 7 3.56 -6.02 -10.59
CA THR A 7 2.13 -5.86 -10.34
C THR A 7 1.46 -7.21 -10.03
N TRP A 8 1.74 -8.15 -10.92
CA TRP A 8 1.22 -9.50 -10.85
C TRP A 8 1.66 -10.24 -9.60
N VAL A 9 2.98 -10.24 -9.31
CA VAL A 9 3.47 -11.02 -8.17
C VAL A 9 2.94 -10.49 -6.83
N MET A 10 2.78 -9.18 -6.69
CA MET A 10 2.15 -8.60 -5.50
C MET A 10 0.69 -9.05 -5.33
N MET A 11 -0.05 -9.09 -6.43
CA MET A 11 -1.44 -9.54 -6.40
C MET A 11 -1.53 -10.99 -6.00
N ILE A 12 -0.72 -11.82 -6.63
CA ILE A 12 -0.61 -13.23 -6.26
C ILE A 12 -0.26 -13.40 -4.79
N ALA A 13 0.76 -12.68 -4.34
CA ALA A 13 1.20 -12.78 -2.94
C ALA A 13 0.08 -12.41 -1.99
N CYS A 14 -0.64 -11.33 -2.27
CA CYS A 14 -1.76 -10.90 -1.44
C CYS A 14 -2.89 -11.93 -1.36
N VAL A 15 -3.17 -12.55 -2.50
CA VAL A 15 -4.21 -13.59 -2.53
C VAL A 15 -3.77 -14.83 -1.77
N VAL A 16 -2.54 -15.25 -1.94
CA VAL A 16 -2.01 -16.40 -1.21
C VAL A 16 -2.09 -16.15 0.29
N VAL A 17 -1.64 -14.98 0.74
CA VAL A 17 -1.69 -14.63 2.14
C VAL A 17 -3.14 -14.61 2.66
N PHE A 18 -4.06 -14.06 1.86
CA PHE A 18 -5.46 -13.95 2.28
C PHE A 18 -6.12 -15.33 2.46
N ILE A 19 -5.80 -16.26 1.55
CA ILE A 19 -6.23 -17.65 1.65
C ILE A 19 -5.66 -18.32 2.90
N ALA A 20 -4.37 -18.13 3.16
CA ALA A 20 -3.76 -18.63 4.40
C ALA A 20 -4.46 -18.09 5.64
N MET A 21 -4.86 -16.82 5.59
CA MET A 21 -5.57 -16.21 6.70
C MET A 21 -6.97 -16.81 6.92
N GLN A 22 -7.64 -17.25 5.86
CA GLN A 22 -8.93 -17.89 6.01
C GLN A 22 -8.73 -19.31 6.54
N ILE A 23 -7.76 -20.02 5.98
CA ILE A 23 -7.51 -21.41 6.37
C ILE A 23 -6.93 -21.51 7.77
N LEU A 24 -5.83 -20.78 8.04
CA LEU A 24 -5.18 -20.81 9.35
C LEU A 24 -5.75 -19.88 10.42
N GLY A 25 -6.50 -18.85 10.03
CA GLY A 25 -6.92 -17.78 10.96
C GLY A 25 -6.00 -16.56 10.86
N ASP A 26 -6.57 -15.37 11.02
CA ASP A 26 -5.81 -14.12 10.96
C ASP A 26 -4.65 -14.07 11.95
N GLN A 27 -4.90 -14.53 13.18
CA GLN A 27 -3.89 -14.44 14.27
C GLN A 27 -2.63 -15.23 13.95
N GLU A 28 -2.81 -16.44 13.44
CA GLU A 28 -1.69 -17.32 13.14
C GLU A 28 -0.81 -16.74 12.04
N VAL A 29 -1.42 -16.14 11.04
CA VAL A 29 -0.68 -15.51 9.96
C VAL A 29 0.04 -14.25 10.46
N MET A 30 -0.65 -13.44 11.28
CA MET A 30 -0.01 -12.27 11.87
C MET A 30 1.23 -12.61 12.67
N LEU A 31 1.21 -13.73 13.38
CA LEU A 31 2.39 -14.17 14.11
C LEU A 31 3.61 -14.27 13.24
N TRP A 32 3.43 -14.73 12.00
CA TRP A 32 4.52 -14.83 11.03
C TRP A 32 4.85 -13.55 10.26
N LEU A 33 3.83 -12.76 9.92
CA LEU A 33 4.04 -11.67 8.97
C LEU A 33 3.94 -10.27 9.52
N ALA A 34 3.46 -10.11 10.76
CA ALA A 34 3.27 -8.78 11.31
C ALA A 34 4.62 -8.12 11.63
N TRP A 35 4.59 -6.79 11.62
CA TRP A 35 5.67 -5.95 12.13
C TRP A 35 6.17 -6.50 13.46
N PRO A 36 7.49 -6.54 13.68
CA PRO A 36 8.00 -7.19 14.90
C PRO A 36 7.26 -6.71 16.14
N PHE A 37 6.67 -7.64 16.87
CA PHE A 37 5.87 -7.32 18.05
C PHE A 37 6.57 -7.73 19.35
N ASP A 38 7.78 -8.23 19.25
CA ASP A 38 8.60 -8.57 20.39
C ASP A 38 10.05 -8.33 19.98
N PRO A 39 10.92 -7.84 20.90
CA PRO A 39 12.34 -7.63 20.51
C PRO A 39 13.05 -8.87 19.90
N THR A 40 12.58 -10.07 20.24
CA THR A 40 13.05 -11.32 19.61
C THR A 40 12.87 -11.42 18.10
N LEU A 41 11.95 -10.64 17.53
CA LEU A 41 11.64 -10.72 16.11
C LEU A 41 12.27 -9.61 15.29
N LYS A 42 13.05 -8.76 15.95
CA LYS A 42 13.55 -7.54 15.34
C LYS A 42 14.47 -7.77 14.14
N PHE A 43 15.15 -8.92 14.10
CA PHE A 43 15.97 -9.28 12.94
C PHE A 43 15.25 -10.01 11.80
N GLU A 44 13.96 -10.33 11.98
CA GLU A 44 13.17 -10.98 10.93
C GLU A 44 12.74 -9.91 9.95
N PHE A 45 13.65 -9.68 9.01
CA PHE A 45 13.63 -8.49 8.19
C PHE A 45 12.39 -8.37 7.37
N TRP A 46 11.85 -9.50 6.94
CA TRP A 46 10.66 -9.51 6.11
C TRP A 46 9.47 -8.78 6.78
N ARG A 47 9.42 -8.84 8.10
CA ARG A 47 8.29 -8.27 8.86
C ARG A 47 8.11 -6.78 8.67
N TYR A 48 9.18 -6.10 8.29
CA TYR A 48 9.09 -4.67 8.09
C TYR A 48 8.34 -4.35 6.81
N PHE A 49 8.07 -5.38 6.01
CA PHE A 49 7.35 -5.26 4.74
C PHE A 49 6.09 -6.12 4.58
N THR A 50 6.05 -7.28 5.21
CA THR A 50 5.03 -8.27 4.90
C THR A 50 3.68 -7.96 5.53
N HIS A 51 3.63 -7.00 6.47
CA HIS A 51 2.37 -6.43 6.96
C HIS A 51 1.53 -5.89 5.81
N ALA A 52 2.18 -5.43 4.74
CA ALA A 52 1.43 -4.95 3.58
C ALA A 52 0.64 -6.03 2.81
N LEU A 53 1.00 -7.29 3.03
CA LEU A 53 0.40 -8.43 2.33
C LEU A 53 -0.83 -8.99 3.04
N MET A 54 -1.09 -8.60 4.29
CA MET A 54 -2.23 -9.12 5.04
C MET A 54 -3.46 -8.28 4.87
N HIS A 55 -4.61 -8.91 4.57
CA HIS A 55 -5.90 -8.23 4.59
C HIS A 55 -6.94 -9.00 5.47
N PHE A 56 -7.83 -8.23 6.08
CA PHE A 56 -8.80 -8.71 7.09
C PHE A 56 -10.23 -8.74 6.64
N SER A 57 -10.53 -8.06 5.54
CA SER A 57 -11.87 -8.16 4.96
C SER A 57 -11.82 -8.16 3.45
N LEU A 58 -12.92 -8.60 2.90
CA LEU A 58 -13.09 -8.71 1.47
C LEU A 58 -13.00 -7.33 0.82
N MET A 59 -13.69 -6.37 1.43
CA MET A 59 -13.70 -5.00 0.92
C MET A 59 -12.26 -4.42 0.79
N HIS A 60 -11.54 -4.54 1.89
CA HIS A 60 -10.14 -4.15 2.09
C HIS A 60 -9.22 -4.71 0.98
N ILE A 61 -9.15 -6.03 0.83
CA ILE A 61 -8.35 -6.60 -0.24
C ILE A 61 -8.80 -6.22 -1.67
N LEU A 62 -10.09 -6.13 -1.90
CA LEU A 62 -10.57 -5.87 -3.27
C LEU A 62 -10.21 -4.49 -3.74
N PHE A 63 -10.51 -3.51 -2.89
CA PHE A 63 -10.23 -2.13 -3.25
C PHE A 63 -8.71 -1.88 -3.32
N ASN A 64 -7.93 -2.44 -2.40
CA ASN A 64 -6.46 -2.23 -2.46
C ASN A 64 -5.88 -2.83 -3.70
N LEU A 65 -6.31 -4.03 -4.05
CA LEU A 65 -5.80 -4.68 -5.26
C LEU A 65 -6.28 -4.06 -6.54
N LEU A 66 -7.49 -3.52 -6.52
CA LEU A 66 -7.98 -2.75 -7.64
C LEU A 66 -7.08 -1.54 -7.92
N TRP A 67 -6.85 -0.74 -6.89
CA TRP A 67 -5.98 0.42 -7.01
C TRP A 67 -4.54 0.02 -7.38
N TRP A 68 -4.03 -1.03 -6.74
CA TRP A 68 -2.69 -1.52 -7.06
C TRP A 68 -2.58 -1.94 -8.53
N TRP A 69 -3.55 -2.73 -8.98
CA TRP A 69 -3.54 -3.20 -10.36
C TRP A 69 -3.48 -2.02 -11.36
N TYR A 70 -4.29 -1.00 -11.08
CA TYR A 70 -4.40 0.12 -12.01
C TYR A 70 -3.18 1.05 -11.94
N LEU A 71 -2.85 1.53 -10.76
CA LEU A 71 -1.75 2.49 -10.58
C LEU A 71 -0.36 1.81 -10.61
N GLY A 72 -0.24 0.68 -9.93
CA GLY A 72 0.96 -0.15 -10.02
C GLY A 72 1.24 -0.56 -11.46
N GLY A 73 0.21 -1.05 -12.15
CA GLY A 73 0.39 -1.51 -13.52
C GLY A 73 0.85 -0.37 -14.43
N ALA A 74 0.25 0.80 -14.21
CA ALA A 74 0.60 2.00 -14.98
C ALA A 74 2.06 2.41 -14.70
N VAL A 75 2.45 2.46 -13.44
CA VAL A 75 3.84 2.81 -13.09
C VAL A 75 4.81 1.81 -13.70
N GLU A 76 4.49 0.54 -13.59
CA GLU A 76 5.37 -0.50 -14.10
C GLU A 76 5.51 -0.40 -15.62
N LYS A 77 4.41 -0.20 -16.32
CA LYS A 77 4.41 -0.14 -17.77
C LYS A 77 5.22 1.05 -18.30
N ARG A 78 4.96 2.24 -17.77
CA ARG A 78 5.58 3.45 -18.26
C ARG A 78 6.96 3.71 -17.69
N LEU A 79 7.15 3.47 -16.38
CA LEU A 79 8.40 3.84 -15.69
C LEU A 79 9.27 2.66 -15.32
N GLY A 80 8.76 1.44 -15.49
CA GLY A 80 9.56 0.26 -15.29
C GLY A 80 9.29 -0.39 -13.93
N SER A 81 9.64 -1.66 -13.91
CA SER A 81 9.47 -2.51 -12.77
C SER A 81 10.24 -2.03 -11.56
N GLY A 82 11.47 -1.59 -11.81
CA GLY A 82 12.35 -1.11 -10.75
C GLY A 82 11.72 0.03 -9.95
N LYS A 83 11.12 0.98 -10.65
CA LYS A 83 10.48 2.11 -10.01
C LYS A 83 9.34 1.63 -9.08
N LEU A 84 8.51 0.72 -9.57
CA LEU A 84 7.39 0.23 -8.77
C LEU A 84 7.90 -0.48 -7.53
N ILE A 85 8.96 -1.27 -7.69
CA ILE A 85 9.58 -1.96 -6.56
C ILE A 85 10.02 -0.98 -5.49
N VAL A 86 10.70 0.09 -5.90
CA VAL A 86 11.22 1.05 -4.92
C VAL A 86 10.11 1.82 -4.22
N ILE A 87 9.10 2.25 -4.96
CA ILE A 87 7.93 2.90 -4.32
C ILE A 87 7.31 1.98 -3.29
N THR A 88 7.19 0.72 -3.66
CA THR A 88 6.54 -0.25 -2.82
C THR A 88 7.32 -0.48 -1.53
N LEU A 89 8.63 -0.70 -1.65
CA LEU A 89 9.45 -0.97 -0.47
C LEU A 89 9.51 0.25 0.47
N ILE A 90 9.63 1.46 -0.10
CA ILE A 90 9.72 2.68 0.74
C ILE A 90 8.39 2.92 1.45
N SER A 91 7.30 2.88 0.70
CA SER A 91 5.98 3.14 1.29
C SER A 91 5.60 2.07 2.35
N ALA A 92 5.87 0.80 2.06
CA ALA A 92 5.58 -0.27 3.04
C ALA A 92 6.32 -0.04 4.33
N LEU A 93 7.61 0.21 4.20
CA LEU A 93 8.46 0.41 5.34
C LEU A 93 8.10 1.64 6.16
N LEU A 94 7.94 2.80 5.51
CA LEU A 94 7.63 4.01 6.27
C LEU A 94 6.21 4.01 6.83
N SER A 95 5.24 3.50 6.07
CA SER A 95 3.87 3.47 6.52
C SER A 95 3.77 2.55 7.72
N GLY A 96 4.48 1.44 7.67
CA GLY A 96 4.53 0.53 8.81
C GLY A 96 5.16 1.16 10.05
N TYR A 97 6.27 1.87 9.86
CA TYR A 97 6.94 2.55 10.94
C TYR A 97 6.01 3.54 11.65
N VAL A 98 5.39 4.41 10.87
CA VAL A 98 4.51 5.43 11.46
C VAL A 98 3.30 4.78 12.17
N GLN A 99 2.72 3.74 11.57
CA GLN A 99 1.58 3.08 12.16
C GLN A 99 1.92 2.45 13.49
N GLN A 100 3.05 1.72 13.57
CA GLN A 100 3.37 1.06 14.84
C GLN A 100 3.67 2.08 15.93
N LYS A 101 4.30 3.18 15.54
CA LYS A 101 4.61 4.24 16.46
C LYS A 101 3.30 4.81 17.07
N PHE A 102 2.28 5.04 16.25
CA PHE A 102 1.03 5.57 16.77
C PHE A 102 0.18 4.54 17.47
N SER A 103 0.09 3.31 16.94
CA SER A 103 -0.90 2.35 17.41
C SER A 103 -0.44 0.94 17.71
N GLY A 104 0.87 0.67 17.66
CA GLY A 104 1.38 -0.67 17.90
C GLY A 104 1.41 -1.53 16.64
N PRO A 105 1.88 -2.75 16.77
CA PRO A 105 2.27 -3.59 15.64
C PRO A 105 1.16 -4.39 14.93
N TRP A 106 -0.07 -4.36 15.42
CA TRP A 106 -1.15 -5.20 14.89
C TRP A 106 -1.94 -4.46 13.83
N PHE A 107 -1.40 -4.51 12.62
CA PHE A 107 -2.00 -3.86 11.48
C PHE A 107 -1.55 -4.60 10.22
N GLY A 108 -2.21 -4.31 9.12
CA GLY A 108 -1.84 -4.88 7.84
C GLY A 108 -2.62 -4.27 6.70
N GLY A 109 -2.16 -4.52 5.49
CA GLY A 109 -2.84 -4.05 4.34
C GLY A 109 -1.93 -3.30 3.40
N LEU A 110 -2.37 -3.30 2.16
CA LEU A 110 -1.61 -2.72 1.07
C LEU A 110 -1.90 -1.22 0.88
N SER A 111 -2.70 -0.64 1.75
CA SER A 111 -3.18 0.74 1.53
C SER A 111 -2.13 1.83 1.77
N GLY A 112 -1.12 1.57 2.58
CA GLY A 112 0.00 2.51 2.68
C GLY A 112 0.68 2.65 1.32
N VAL A 113 0.88 1.51 0.66
CA VAL A 113 1.43 1.44 -0.68
C VAL A 113 0.50 2.07 -1.70
N VAL A 114 -0.79 1.77 -1.61
CA VAL A 114 -1.77 2.38 -2.51
C VAL A 114 -1.82 3.91 -2.40
N TYR A 115 -1.82 4.45 -1.20
CA TYR A 115 -1.81 5.90 -0.99
C TYR A 115 -0.54 6.55 -1.57
N ALA A 116 0.59 5.85 -1.45
CA ALA A 116 1.82 6.31 -2.06
C ALA A 116 1.67 6.40 -3.56
N LEU A 117 1.07 5.38 -4.17
CA LEU A 117 0.88 5.34 -5.62
C LEU A 117 -0.08 6.44 -6.09
N MET A 118 -1.16 6.68 -5.35
CA MET A 118 -2.07 7.77 -5.64
C MET A 118 -1.35 9.11 -5.67
N GLY A 119 -0.58 9.40 -4.63
CA GLY A 119 0.13 10.66 -4.54
C GLY A 119 1.23 10.78 -5.57
N TYR A 120 1.91 9.66 -5.82
CA TYR A 120 2.97 9.63 -6.76
C TYR A 120 2.45 9.94 -8.17
N VAL A 121 1.46 9.18 -8.63
CA VAL A 121 0.93 9.32 -10.02
C VAL A 121 0.28 10.70 -10.22
N TRP A 122 -0.44 11.18 -9.20
CA TRP A 122 -1.07 12.47 -9.29
C TRP A 122 0.00 13.58 -9.37
N LEU A 123 0.92 13.59 -8.42
CA LEU A 123 1.91 14.67 -8.38
C LEU A 123 2.89 14.64 -9.58
N ARG A 124 3.25 13.44 -10.03
CA ARG A 124 4.11 13.27 -11.19
C ARG A 124 3.43 13.82 -12.45
N GLY A 125 2.13 13.56 -12.61
CA GLY A 125 1.38 14.09 -13.77
C GLY A 125 1.27 15.59 -13.75
N GLU A 126 1.01 16.11 -12.56
CA GLU A 126 0.86 17.53 -12.28
C GLU A 126 2.17 18.29 -12.60
N ARG A 127 3.27 17.86 -12.00
CA ARG A 127 4.55 18.55 -12.12
C ARG A 127 5.35 18.20 -13.37
N ASP A 128 5.02 17.10 -14.02
CA ASP A 128 5.87 16.57 -15.08
C ASP A 128 5.00 15.80 -16.09
N PRO A 129 4.10 16.53 -16.78
CA PRO A 129 3.23 15.91 -17.79
C PRO A 129 4.03 15.08 -18.80
N GLN A 130 5.16 15.62 -19.23
CA GLN A 130 6.14 14.95 -20.09
C GLN A 130 6.32 13.46 -19.77
N SER A 131 6.38 13.12 -18.47
CA SER A 131 6.52 11.72 -18.00
C SER A 131 5.58 10.73 -18.66
N GLY A 132 4.41 11.21 -19.07
CA GLY A 132 3.37 10.33 -19.60
C GLY A 132 2.45 9.77 -18.53
N ILE A 133 2.80 9.92 -17.25
CA ILE A 133 1.96 9.32 -16.23
C ILE A 133 1.13 10.42 -15.55
N TYR A 134 -0.15 10.16 -15.36
CA TYR A 134 -1.00 11.10 -14.61
C TYR A 134 -2.24 10.40 -14.08
N LEU A 135 -2.91 11.06 -13.15
CA LEU A 135 -4.13 10.53 -12.59
C LEU A 135 -5.26 11.32 -13.19
N GLN A 136 -6.08 10.70 -14.05
CA GLN A 136 -7.10 11.48 -14.70
C GLN A 136 -8.21 11.91 -13.73
N ARG A 137 -8.96 12.92 -14.15
CA ARG A 137 -9.89 13.62 -13.29
C ARG A 137 -10.83 12.75 -12.49
N GLY A 138 -11.54 11.87 -13.17
CA GLY A 138 -12.48 10.99 -12.46
C GLY A 138 -11.81 10.24 -11.33
N LEU A 139 -10.59 9.77 -11.59
CA LEU A 139 -9.86 9.02 -10.59
C LEU A 139 -9.35 9.87 -9.46
N ILE A 140 -9.00 11.12 -9.74
CA ILE A 140 -8.67 12.04 -8.66
C ILE A 140 -9.85 12.09 -7.67
N ILE A 141 -11.06 12.22 -8.18
CA ILE A 141 -12.25 12.30 -7.31
C ILE A 141 -12.44 11.02 -6.51
N PHE A 142 -12.28 9.87 -7.16
CA PHE A 142 -12.54 8.62 -6.49
C PHE A 142 -11.42 8.33 -5.47
N ALA A 143 -10.18 8.69 -5.79
CA ALA A 143 -9.09 8.60 -4.78
C ALA A 143 -9.36 9.47 -3.56
N LEU A 144 -9.77 10.72 -3.78
CA LEU A 144 -10.16 11.63 -2.69
C LEU A 144 -11.25 11.11 -1.79
N ILE A 145 -12.32 10.59 -2.39
CA ILE A 145 -13.39 9.99 -1.61
C ILE A 145 -12.85 8.82 -0.77
N TRP A 146 -12.01 7.99 -1.37
CA TRP A 146 -11.40 6.82 -0.70
C TRP A 146 -10.58 7.25 0.50
N ILE A 147 -9.73 8.25 0.29
CA ILE A 147 -8.93 8.83 1.34
C ILE A 147 -9.81 9.36 2.48
N VAL A 148 -10.78 10.21 2.14
CA VAL A 148 -11.67 10.81 3.13
C VAL A 148 -12.38 9.77 4.00
N ALA A 149 -12.76 8.65 3.37
CA ALA A 149 -13.52 7.60 4.06
C ALA A 149 -12.70 6.94 5.18
N GLY A 150 -11.42 6.67 4.88
CA GLY A 150 -10.48 6.13 5.85
C GLY A 150 -10.26 7.11 6.95
N TRP A 151 -9.94 8.35 6.59
CA TRP A 151 -9.67 9.40 7.56
C TRP A 151 -10.81 9.65 8.58
N PHE A 152 -12.06 9.68 8.12
CA PHE A 152 -13.21 9.89 9.00
C PHE A 152 -13.88 8.58 9.40
N ASP A 153 -13.16 7.47 9.22
CA ASP A 153 -13.66 6.13 9.51
C ASP A 153 -15.05 5.81 8.98
N LEU A 154 -15.22 5.92 7.68
CA LEU A 154 -16.52 5.67 7.07
C LEU A 154 -16.69 4.24 6.55
N PHE A 155 -15.62 3.45 6.55
CA PHE A 155 -15.77 2.00 6.47
C PHE A 155 -15.81 1.61 7.92
N GLY A 156 -16.84 0.90 8.35
CA GLY A 156 -17.00 0.52 9.76
C GLY A 156 -15.96 -0.49 10.21
N MET A 157 -14.69 -0.17 9.99
CA MET A 157 -13.54 -1.01 10.35
C MET A 157 -12.51 -0.05 10.92
N SER A 158 -11.70 -0.53 11.85
CA SER A 158 -10.72 0.30 12.50
C SER A 158 -9.55 0.54 11.46
N MET A 159 -9.14 1.79 11.28
CA MET A 159 -8.27 2.18 10.16
C MET A 159 -6.84 2.41 10.61
N ALA A 160 -5.89 2.15 9.75
CA ALA A 160 -4.49 2.37 10.07
C ALA A 160 -4.15 3.75 9.54
N ASN A 161 -4.51 4.79 10.29
CA ASN A 161 -4.39 6.18 9.81
C ASN A 161 -2.95 6.62 9.57
N GLY A 162 -2.02 6.22 10.43
CA GLY A 162 -0.57 6.49 10.22
C GLY A 162 -0.06 5.88 8.93
N ALA A 163 -0.30 4.57 8.75
CA ALA A 163 0.01 3.88 7.46
C ALA A 163 -0.49 4.69 6.24
N HIS A 164 -1.74 5.13 6.31
CA HIS A 164 -2.39 5.85 5.20
C HIS A 164 -1.72 7.19 4.85
N ILE A 165 -1.42 7.99 5.85
CA ILE A 165 -0.85 9.30 5.61
C ILE A 165 0.64 9.27 5.33
N ALA A 166 1.36 8.37 5.98
CA ALA A 166 2.76 8.18 5.68
C ALA A 166 2.92 7.72 4.24
N GLY A 167 2.03 6.82 3.82
CA GLY A 167 1.97 6.34 2.47
C GLY A 167 1.87 7.47 1.49
N LEU A 168 0.83 8.26 1.64
CA LEU A 168 0.58 9.40 0.77
C LEU A 168 1.78 10.32 0.69
N ALA A 169 2.31 10.68 1.87
CA ALA A 169 3.50 11.50 1.98
C ALA A 169 4.68 10.98 1.18
N VAL A 170 4.95 9.69 1.30
CA VAL A 170 6.05 9.05 0.58
C VAL A 170 5.90 9.19 -0.94
N GLY A 171 4.70 8.93 -1.44
CA GLY A 171 4.37 9.02 -2.84
C GLY A 171 4.58 10.43 -3.36
N LEU A 172 4.07 11.39 -2.63
CA LEU A 172 4.25 12.78 -2.99
C LEU A 172 5.72 13.14 -3.00
N ALA A 173 6.46 12.66 -2.00
CA ALA A 173 7.86 12.98 -1.90
C ALA A 173 8.68 12.41 -3.07
N MET A 174 8.39 11.16 -3.43
CA MET A 174 9.10 10.54 -4.56
C MET A 174 8.77 11.17 -5.93
N ALA A 175 7.50 11.56 -6.15
CA ALA A 175 7.08 12.33 -7.34
C ALA A 175 7.83 13.64 -7.44
N PHE A 176 7.88 14.36 -6.31
CA PHE A 176 8.61 15.60 -6.27
C PHE A 176 10.08 15.40 -6.68
N VAL A 177 10.70 14.38 -6.12
CA VAL A 177 12.08 14.07 -6.42
C VAL A 177 12.24 13.74 -7.90
N ASP A 178 11.36 12.89 -8.42
CA ASP A 178 11.45 12.45 -9.81
C ASP A 178 11.12 13.53 -10.84
N SER A 179 10.37 14.54 -10.44
CA SER A 179 9.92 15.56 -11.37
C SER A 179 10.99 16.62 -11.57
N LEU A 180 12.05 16.61 -10.76
CA LEU A 180 13.16 17.54 -10.93
C LEU A 180 14.02 17.14 -12.14
C ACE B 1 -7.50 -4.31 16.35
O ACE B 1 -6.76 -3.32 16.48
CH3 ACE B 1 -8.36 -4.76 17.54
N VAL B 2 -7.57 -5.03 15.18
CA VAL B 2 -6.60 -4.86 14.09
C VAL B 2 -6.92 -3.66 13.18
N ARG B 3 -5.89 -2.91 12.80
CA ARG B 3 -6.07 -1.70 12.01
C ARG B 3 -5.79 -1.97 10.55
N HIS B 4 -6.67 -1.39 9.71
CA HIS B 4 -6.70 -1.70 8.28
C HIS B 4 -6.00 -0.58 7.51
N ALA B 5 -4.96 -0.95 6.78
CA ALA B 5 -4.22 -0.01 5.92
C ALA B 5 -5.00 0.15 4.58
C1 0QE B 6 -5.89 1.36 4.69
#